data_8OIG
#
_entry.id   8OIG
#
_cell.length_a   103.136
_cell.length_b   103.136
_cell.length_c   51.204
_cell.angle_alpha   90.00
_cell.angle_beta   90.00
_cell.angle_gamma   120.00
#
_symmetry.space_group_name_H-M   'P 31'
#
loop_
_entity.id
_entity.type
_entity.pdbx_description
1 polymer 'Thiol protease'
2 non-polymer GLYCEROL
3 non-polymer 'CHLORIDE ION'
4 non-polymer 1,2-ETHANEDIOL
5 water water
#
_entity_poly.entity_id   1
_entity_poly.type   'polypeptide(L)'
_entity_poly.pdbx_seq_one_letter_code
;RAQYVNQLKNFKIRETQGNNGWCAGYTMSALLNATYNTDRYNAEAVMRYLHPNLQGDDFQFTGLTPQEMMKYGKSQGRDT
QYLNRMPSYNEVDKLTTNNKDIAILGSRVESTDGIHAGHAMAVVGNAELEGGQEVIMIWNPWDRGFMTQDAESNIIPVSN
GDHYQWNSSIYGY
;
_entity_poly.pdbx_strand_id   A,B,C
#
loop_
_chem_comp.id
_chem_comp.type
_chem_comp.name
_chem_comp.formula
CL non-polymer 'CHLORIDE ION' 'Cl -1'
EDO non-polymer 1,2-ETHANEDIOL 'C2 H6 O2'
GOL non-polymer GLYCEROL 'C3 H8 O3'
#
# COMPACT_ATOMS: atom_id res chain seq x y z
N ARG A 1 19.48 10.82 -17.16
CA ARG A 1 19.44 10.16 -18.49
C ARG A 1 18.09 9.47 -18.71
N ALA A 2 17.36 9.09 -17.66
CA ALA A 2 16.10 8.36 -17.76
C ALA A 2 14.97 9.20 -17.17
N GLN A 3 13.77 9.20 -17.73
CA GLN A 3 12.73 9.82 -16.93
C GLN A 3 11.65 8.81 -16.57
N TYR A 4 11.89 7.50 -16.78
CA TYR A 4 11.15 6.40 -16.18
C TYR A 4 12.16 5.38 -15.67
N VAL A 5 12.19 5.11 -14.37
CA VAL A 5 13.03 4.08 -13.79
C VAL A 5 12.21 3.22 -12.84
N ASN A 6 12.18 1.92 -13.15
CA ASN A 6 11.54 0.92 -12.32
C ASN A 6 12.55 -0.09 -11.78
N GLN A 7 12.91 0.03 -10.50
CA GLN A 7 13.86 -0.91 -9.92
C GLN A 7 13.30 -1.62 -8.70
N LEU A 8 13.89 -2.78 -8.41
CA LEU A 8 13.55 -3.47 -7.18
C LEU A 8 13.99 -2.61 -6.02
N LYS A 9 13.04 -2.21 -5.16
CA LYS A 9 13.21 -0.97 -4.40
C LYS A 9 14.33 -1.08 -3.35
N ASN A 10 14.64 -2.31 -2.91
CA ASN A 10 15.60 -2.60 -1.86
C ASN A 10 16.79 -3.39 -2.38
N PHE A 11 16.99 -3.44 -3.70
CA PHE A 11 18.20 -4.08 -4.21
C PHE A 11 19.43 -3.27 -3.81
N LYS A 12 20.49 -3.95 -3.31
CA LYS A 12 21.77 -3.36 -2.92
C LYS A 12 22.90 -4.29 -3.27
N ILE A 13 24.04 -3.73 -3.69
CA ILE A 13 25.25 -4.51 -3.92
C ILE A 13 25.99 -4.59 -2.61
N ARG A 14 26.12 -5.82 -2.10
CA ARG A 14 26.73 -6.05 -0.82
C ARG A 14 28.06 -6.78 -0.93
N GLU A 15 28.13 -7.61 -1.94
CA GLU A 15 29.34 -8.39 -2.15
C GLU A 15 29.57 -8.48 -3.64
N THR A 16 30.81 -8.76 -4.04
CA THR A 16 31.18 -9.00 -5.42
C THR A 16 32.02 -10.28 -5.57
N GLN A 17 31.89 -10.84 -6.77
CA GLN A 17 32.50 -12.10 -7.09
C GLN A 17 33.93 -11.91 -7.63
N GLY A 18 34.88 -12.52 -6.89
CA GLY A 18 36.27 -12.63 -7.29
C GLY A 18 36.58 -14.06 -7.72
N ASN A 19 37.60 -14.68 -7.10
CA ASN A 19 38.13 -15.95 -7.56
C ASN A 19 37.25 -17.08 -7.03
N ASN A 20 36.05 -17.21 -7.58
CA ASN A 20 35.19 -18.32 -7.24
C ASN A 20 34.22 -18.58 -8.40
N GLY A 21 33.50 -19.69 -8.30
CA GLY A 21 32.41 -19.99 -9.25
C GLY A 21 31.01 -19.87 -8.67
N TRP A 22 30.75 -18.83 -7.85
CA TRP A 22 29.55 -18.69 -7.07
C TRP A 22 28.61 -17.63 -7.66
N CYS A 23 28.79 -17.27 -8.93
CA CYS A 23 27.94 -16.28 -9.59
C CYS A 23 26.46 -16.51 -9.29
N ALA A 24 25.95 -17.75 -9.36
CA ALA A 24 24.53 -17.95 -9.13
C ALA A 24 24.17 -17.72 -7.64
N GLY A 25 25.07 -18.03 -6.71
CA GLY A 25 24.88 -17.68 -5.31
C GLY A 25 24.82 -16.16 -5.13
N TYR A 26 25.70 -15.40 -5.78
CA TYR A 26 25.70 -13.94 -5.75
C TYR A 26 24.34 -13.41 -6.21
N THR A 27 23.88 -13.99 -7.31
CA THR A 27 22.69 -13.52 -8.01
C THR A 27 21.48 -13.73 -7.13
N MET A 28 21.33 -15.01 -6.69
CA MET A 28 20.15 -15.33 -5.90
C MET A 28 20.15 -14.59 -4.55
N SER A 29 21.33 -14.35 -3.98
CA SER A 29 21.37 -13.68 -2.69
C SER A 29 20.92 -12.25 -2.85
N ALA A 30 21.40 -11.58 -3.90
CA ALA A 30 21.01 -10.19 -4.06
C ALA A 30 19.52 -10.05 -4.35
N LEU A 31 18.97 -10.99 -5.09
CA LEU A 31 17.55 -10.91 -5.46
C LEU A 31 16.69 -11.15 -4.25
N LEU A 32 17.05 -12.21 -3.48
CA LEU A 32 16.25 -12.62 -2.34
C LEU A 32 16.38 -11.53 -1.25
N ASN A 33 17.60 -10.95 -1.06
CA ASN A 33 17.77 -9.85 -0.12
C ASN A 33 16.86 -8.68 -0.49
N ALA A 34 16.82 -8.34 -1.80
CA ALA A 34 15.97 -7.26 -2.26
C ALA A 34 14.49 -7.56 -1.97
N THR A 35 13.97 -8.77 -2.28
CA THR A 35 12.53 -8.97 -2.27
C THR A 35 11.97 -9.20 -0.86
N TYR A 36 12.78 -9.82 0.00
CA TYR A 36 12.48 -10.02 1.39
C TYR A 36 12.93 -8.84 2.25
N ASN A 37 13.64 -7.89 1.65
CA ASN A 37 14.17 -6.74 2.36
C ASN A 37 15.03 -7.13 3.56
N THR A 38 16.13 -7.88 3.31
CA THR A 38 16.96 -8.48 4.35
C THR A 38 18.41 -8.46 3.86
N ASP A 39 19.34 -8.89 4.74
CA ASP A 39 20.73 -9.11 4.37
C ASP A 39 21.17 -10.50 4.79
N ARG A 40 20.22 -11.38 5.10
CA ARG A 40 20.60 -12.73 5.51
C ARG A 40 21.25 -13.57 4.42
N TYR A 41 21.01 -13.26 3.15
CA TYR A 41 21.54 -14.06 2.06
C TYR A 41 22.94 -13.59 1.66
N ASN A 42 23.86 -14.53 1.41
CA ASN A 42 25.14 -14.21 0.80
C ASN A 42 25.61 -15.41 -0.01
N ALA A 43 26.45 -15.12 -1.00
CA ALA A 43 26.80 -16.08 -2.02
C ALA A 43 27.33 -17.34 -1.33
N GLU A 44 28.30 -17.20 -0.39
CA GLU A 44 28.96 -18.40 0.16
C GLU A 44 27.98 -19.27 0.93
N ALA A 45 27.09 -18.63 1.67
CA ALA A 45 26.12 -19.35 2.47
C ALA A 45 25.09 -20.06 1.59
N VAL A 46 24.70 -19.43 0.47
CA VAL A 46 23.80 -20.10 -0.45
C VAL A 46 24.52 -21.31 -1.05
N MET A 47 25.77 -21.15 -1.46
CA MET A 47 26.46 -22.26 -2.08
C MET A 47 26.69 -23.39 -1.06
N ARG A 48 26.97 -23.06 0.23
CA ARG A 48 27.15 -24.07 1.26
CA ARG A 48 27.15 -24.07 1.26
C ARG A 48 25.87 -24.85 1.50
N TYR A 49 24.72 -24.17 1.38
CA TYR A 49 23.42 -24.78 1.58
C TYR A 49 23.20 -25.78 0.46
N LEU A 50 23.54 -25.42 -0.79
CA LEU A 50 23.30 -26.33 -1.91
C LEU A 50 24.38 -27.39 -2.09
N HIS A 51 25.57 -27.08 -1.59
CA HIS A 51 26.73 -27.94 -1.76
C HIS A 51 27.34 -28.22 -0.39
N PRO A 52 26.57 -28.89 0.52
CA PRO A 52 26.99 -29.01 1.92
C PRO A 52 28.27 -29.81 2.12
N ASN A 53 28.62 -30.65 1.12
CA ASN A 53 29.63 -31.68 1.24
C ASN A 53 30.92 -31.33 0.51
N LEU A 54 30.88 -30.34 -0.37
CA LEU A 54 32.09 -29.86 -1.08
C LEU A 54 32.98 -29.04 -0.16
N GLN A 55 34.28 -29.23 -0.31
CA GLN A 55 35.30 -28.46 0.33
C GLN A 55 36.34 -28.06 -0.70
N GLY A 56 37.26 -27.18 -0.29
CA GLY A 56 38.47 -27.00 -1.07
C GLY A 56 38.16 -26.38 -2.45
N ASP A 57 38.91 -26.83 -3.44
CA ASP A 57 38.83 -26.25 -4.77
C ASP A 57 37.44 -26.54 -5.33
N ASP A 58 36.93 -27.76 -5.13
CA ASP A 58 35.59 -28.10 -5.65
C ASP A 58 34.51 -27.16 -5.10
N PHE A 59 34.56 -26.79 -3.81
CA PHE A 59 33.57 -25.89 -3.25
C PHE A 59 33.76 -24.50 -3.82
N GLN A 60 35.04 -24.05 -3.91
CA GLN A 60 35.40 -22.74 -4.43
C GLN A 60 34.89 -22.51 -5.86
N PHE A 61 34.91 -23.54 -6.74
CA PHE A 61 34.74 -23.29 -8.19
C PHE A 61 33.50 -23.99 -8.81
N THR A 62 32.78 -24.88 -8.10
CA THR A 62 31.64 -25.54 -8.68
C THR A 62 30.42 -24.62 -8.59
N GLY A 63 29.81 -24.32 -9.74
CA GLY A 63 28.64 -23.48 -9.77
C GLY A 63 27.37 -24.29 -9.62
N LEU A 64 26.27 -23.67 -10.02
CA LEU A 64 24.95 -24.22 -9.80
C LEU A 64 24.30 -24.50 -11.12
N THR A 65 23.51 -25.57 -11.17
CA THR A 65 22.69 -25.86 -12.33
C THR A 65 21.44 -25.01 -12.23
N PRO A 66 20.66 -24.91 -13.32
CA PRO A 66 19.36 -24.28 -13.26
C PRO A 66 18.42 -24.94 -12.25
N GLN A 67 18.48 -26.25 -12.16
CA GLN A 67 17.68 -27.06 -11.27
C GLN A 67 18.01 -26.66 -9.82
N GLU A 68 19.29 -26.48 -9.52
CA GLU A 68 19.68 -26.10 -8.17
C GLU A 68 19.20 -24.70 -7.82
N MET A 69 19.27 -23.78 -8.79
CA MET A 69 18.79 -22.42 -8.62
C MET A 69 17.28 -22.41 -8.34
N MET A 70 16.52 -23.23 -9.05
CA MET A 70 15.09 -23.34 -8.94
C MET A 70 14.73 -23.94 -7.58
N LYS A 71 15.42 -24.99 -7.18
CA LYS A 71 15.20 -25.60 -5.88
C LYS A 71 15.57 -24.60 -4.76
N TYR A 72 16.62 -23.80 -4.92
CA TYR A 72 16.92 -22.81 -3.86
C TYR A 72 15.78 -21.81 -3.71
N GLY A 73 15.29 -21.28 -4.82
CA GLY A 73 14.14 -20.39 -4.76
C GLY A 73 12.97 -21.00 -4.01
N LYS A 74 12.60 -22.22 -4.36
CA LYS A 74 11.47 -22.88 -3.73
CA LYS A 74 11.47 -22.88 -3.73
C LYS A 74 11.74 -23.09 -2.24
N SER A 75 12.99 -23.47 -1.88
CA SER A 75 13.36 -23.65 -0.48
C SER A 75 13.19 -22.38 0.35
N GLN A 76 13.24 -21.22 -0.30
CA GLN A 76 13.24 -19.94 0.38
C GLN A 76 11.87 -19.29 0.28
N GLY A 77 10.84 -20.08 -0.07
CA GLY A 77 9.46 -19.62 -0.06
C GLY A 77 8.99 -18.99 -1.36
N ARG A 78 9.79 -19.06 -2.44
CA ARG A 78 9.43 -18.33 -3.65
C ARG A 78 8.95 -19.29 -4.76
N ASP A 79 7.87 -18.91 -5.48
CA ASP A 79 7.40 -19.68 -6.62
C ASP A 79 8.21 -19.26 -7.84
N THR A 80 9.44 -19.79 -7.92
CA THR A 80 10.33 -19.52 -9.04
C THR A 80 9.89 -20.34 -10.25
N GLN A 81 10.10 -19.75 -11.43
CA GLN A 81 9.69 -20.30 -12.72
C GLN A 81 10.82 -20.16 -13.73
N TYR A 82 11.00 -21.18 -14.58
CA TYR A 82 11.96 -21.15 -15.68
CA TYR A 82 11.93 -21.17 -15.70
C TYR A 82 11.31 -20.46 -16.88
N LEU A 83 12.11 -19.68 -17.61
CA LEU A 83 11.69 -19.02 -18.82
C LEU A 83 12.80 -19.27 -19.82
N ASN A 84 12.48 -19.87 -20.95
CA ASN A 84 13.56 -20.43 -21.72
C ASN A 84 14.05 -19.38 -22.70
N ARG A 85 14.12 -18.12 -22.26
CA ARG A 85 14.46 -17.02 -23.14
C ARG A 85 14.79 -15.81 -22.26
N MET A 86 15.10 -14.68 -22.90
CA MET A 86 15.19 -13.43 -22.18
C MET A 86 13.79 -12.82 -22.12
N PRO A 87 13.36 -12.15 -21.01
CA PRO A 87 12.08 -11.42 -20.97
C PRO A 87 12.16 -10.19 -21.86
N SER A 88 10.99 -9.69 -22.21
CA SER A 88 10.88 -8.37 -22.80
C SER A 88 10.98 -7.31 -21.72
N TYR A 89 11.17 -6.07 -22.20
CA TYR A 89 11.03 -4.87 -21.40
C TYR A 89 9.74 -4.94 -20.59
N ASN A 90 8.62 -5.22 -21.28
CA ASN A 90 7.32 -5.19 -20.63
C ASN A 90 7.28 -6.22 -19.50
N GLU A 91 7.82 -7.43 -19.79
CA GLU A 91 7.77 -8.48 -18.81
C GLU A 91 8.64 -8.08 -17.60
N VAL A 92 9.83 -7.48 -17.80
CA VAL A 92 10.64 -7.01 -16.66
C VAL A 92 9.91 -5.92 -15.84
N ASP A 93 9.24 -5.01 -16.53
CA ASP A 93 8.51 -3.95 -15.84
C ASP A 93 7.48 -4.55 -14.90
N LYS A 94 6.68 -5.51 -15.41
CA LYS A 94 5.61 -6.06 -14.62
C LYS A 94 6.15 -6.83 -13.43
N LEU A 95 7.18 -7.67 -13.67
CA LEU A 95 7.79 -8.46 -12.63
C LEU A 95 8.34 -7.53 -11.57
N THR A 96 9.03 -6.47 -11.98
CA THR A 96 9.68 -5.57 -11.05
C THR A 96 8.65 -4.85 -10.17
N THR A 97 7.55 -4.41 -10.80
CA THR A 97 6.45 -3.79 -10.08
C THR A 97 5.84 -4.71 -9.03
N ASN A 98 5.88 -6.00 -9.36
CA ASN A 98 5.37 -7.01 -8.47
C ASN A 98 6.39 -7.54 -7.50
N ASN A 99 7.56 -6.88 -7.37
CA ASN A 99 8.58 -7.25 -6.39
C ASN A 99 8.99 -8.69 -6.63
N LYS A 100 9.16 -9.07 -7.91
CA LYS A 100 9.66 -10.38 -8.20
C LYS A 100 11.00 -10.26 -8.90
N ASP A 101 11.93 -11.09 -8.46
CA ASP A 101 13.28 -11.07 -8.92
C ASP A 101 13.58 -12.02 -10.07
N ILE A 102 14.47 -11.57 -10.96
CA ILE A 102 14.82 -12.29 -12.17
C ILE A 102 16.32 -12.62 -12.17
N ALA A 103 16.64 -13.88 -12.33
CA ALA A 103 18.00 -14.37 -12.53
C ALA A 103 18.25 -14.59 -14.02
N ILE A 104 19.42 -14.12 -14.49
CA ILE A 104 19.86 -14.16 -15.88
C ILE A 104 20.74 -15.40 -15.95
N LEU A 105 20.44 -16.33 -16.86
CA LEU A 105 21.32 -17.45 -17.22
C LEU A 105 21.93 -17.20 -18.59
N GLY A 106 23.21 -16.86 -18.58
CA GLY A 106 23.90 -16.60 -19.85
C GLY A 106 25.04 -17.54 -20.18
N SER A 107 25.50 -17.44 -21.44
CA SER A 107 26.69 -18.20 -21.83
C SER A 107 27.63 -17.29 -22.62
N ARG A 108 28.95 -17.51 -22.49
CA ARG A 108 29.94 -16.64 -23.11
C ARG A 108 29.94 -16.90 -24.60
N VAL A 109 30.03 -15.82 -25.37
CA VAL A 109 30.08 -15.89 -26.81
C VAL A 109 31.47 -16.26 -27.24
N GLU A 110 32.45 -15.61 -26.59
CA GLU A 110 33.85 -15.95 -26.80
C GLU A 110 34.17 -17.36 -26.30
N SER A 111 35.11 -17.98 -27.03
CA SER A 111 35.67 -19.23 -26.57
C SER A 111 37.00 -19.53 -27.26
N THR A 112 38.07 -19.56 -26.45
CA THR A 112 39.36 -20.11 -26.84
C THR A 112 39.22 -21.58 -27.22
N ASP A 113 38.37 -22.23 -26.41
CA ASP A 113 38.48 -23.60 -25.96
C ASP A 113 37.48 -24.47 -26.73
N GLY A 114 36.46 -23.86 -27.33
CA GLY A 114 35.26 -24.56 -27.76
C GLY A 114 34.24 -24.76 -26.64
N ILE A 115 34.61 -24.37 -25.41
CA ILE A 115 33.66 -24.32 -24.32
C ILE A 115 33.27 -22.85 -24.11
N HIS A 116 31.97 -22.66 -23.86
CA HIS A 116 31.38 -21.35 -23.65
C HIS A 116 30.87 -21.28 -22.22
N ALA A 117 31.56 -20.57 -21.35
CA ALA A 117 31.29 -20.68 -19.94
C ALA A 117 29.91 -20.13 -19.61
N GLY A 118 29.26 -20.69 -18.59
CA GLY A 118 28.01 -20.19 -18.09
C GLY A 118 28.22 -19.08 -17.08
N HIS A 119 27.31 -18.11 -17.03
CA HIS A 119 27.34 -17.08 -16.01
C HIS A 119 25.91 -16.72 -15.59
N ALA A 120 25.70 -16.35 -14.31
CA ALA A 120 24.46 -15.85 -13.77
C ALA A 120 24.67 -14.42 -13.33
N MET A 121 23.67 -13.59 -13.62
CA MET A 121 23.63 -12.21 -13.21
C MET A 121 22.22 -11.90 -12.76
N ALA A 122 22.02 -10.72 -12.15
CA ALA A 122 20.70 -10.33 -11.60
C ALA A 122 20.06 -9.21 -12.44
N VAL A 123 18.75 -9.24 -12.71
CA VAL A 123 18.06 -8.01 -13.13
C VAL A 123 17.76 -7.14 -11.91
N VAL A 124 17.96 -5.84 -12.08
CA VAL A 124 17.70 -4.84 -11.05
C VAL A 124 16.40 -4.08 -11.37
N GLY A 125 15.95 -4.09 -12.62
CA GLY A 125 14.73 -3.44 -13.03
C GLY A 125 14.90 -3.00 -14.50
N ASN A 126 14.27 -1.87 -14.82
CA ASN A 126 14.14 -1.44 -16.20
C ASN A 126 13.97 0.09 -16.21
N ALA A 127 14.24 0.70 -17.36
CA ALA A 127 14.02 2.14 -17.48
C ALA A 127 13.77 2.53 -18.92
N GLU A 128 13.23 3.72 -19.05
CA GLU A 128 13.04 4.35 -20.34
C GLU A 128 13.97 5.54 -20.38
N LEU A 129 14.98 5.52 -21.25
CA LEU A 129 15.89 6.64 -21.34
C LEU A 129 15.17 7.79 -22.00
N GLU A 130 15.60 9.01 -21.70
CA GLU A 130 15.20 10.15 -22.50
C GLU A 130 15.52 9.86 -23.98
N GLY A 131 14.49 9.97 -24.82
CA GLY A 131 14.57 9.65 -26.25
C GLY A 131 13.86 8.34 -26.57
N GLY A 132 13.49 7.61 -25.51
CA GLY A 132 12.54 6.53 -25.58
C GLY A 132 13.13 5.13 -25.47
N GLN A 133 14.45 5.02 -25.42
CA GLN A 133 15.10 3.72 -25.49
C GLN A 133 14.72 2.95 -24.24
N GLU A 134 14.27 1.71 -24.45
CA GLU A 134 13.91 0.82 -23.37
C GLU A 134 15.17 0.04 -23.02
N VAL A 135 15.45 0.01 -21.69
CA VAL A 135 16.64 -0.67 -21.17
C VAL A 135 16.27 -1.46 -19.92
N ILE A 136 16.96 -2.58 -19.78
CA ILE A 136 16.90 -3.38 -18.60
C ILE A 136 18.20 -3.18 -17.82
N MET A 137 18.11 -3.03 -16.50
CA MET A 137 19.28 -2.78 -15.64
C MET A 137 19.72 -4.09 -15.02
N ILE A 138 21.05 -4.31 -15.06
CA ILE A 138 21.58 -5.63 -14.76
C ILE A 138 22.73 -5.50 -13.79
N TRP A 139 22.80 -6.41 -12.84
CA TRP A 139 23.97 -6.48 -12.00
C TRP A 139 24.73 -7.75 -12.32
N ASN A 140 25.91 -7.54 -12.88
CA ASN A 140 26.91 -8.60 -12.94
C ASN A 140 27.62 -8.70 -11.58
N PRO A 141 27.60 -9.86 -10.91
CA PRO A 141 28.32 -10.03 -9.65
C PRO A 141 29.76 -9.59 -9.56
N TRP A 142 30.47 -9.54 -10.67
CA TRP A 142 31.83 -9.01 -10.68
C TRP A 142 31.89 -7.53 -10.29
N ASP A 143 30.77 -6.80 -10.45
CA ASP A 143 30.84 -5.34 -10.58
C ASP A 143 30.29 -4.62 -9.36
N ARG A 144 30.81 -3.39 -9.12
CA ARG A 144 30.23 -2.52 -8.09
C ARG A 144 29.11 -1.59 -8.57
N GLY A 145 28.66 -1.77 -9.78
CA GLY A 145 27.60 -1.00 -10.38
C GLY A 145 26.80 -1.86 -11.31
N PHE A 146 25.94 -1.17 -12.07
CA PHE A 146 24.95 -1.77 -12.95
C PHE A 146 25.27 -1.48 -14.42
N MET A 147 24.87 -2.41 -15.26
CA MET A 147 24.87 -2.21 -16.67
C MET A 147 23.47 -1.84 -17.16
N THR A 148 23.45 -1.00 -18.21
CA THR A 148 22.26 -0.65 -18.93
C THR A 148 22.23 -1.46 -20.22
N GLN A 149 21.26 -2.35 -20.38
CA GLN A 149 21.12 -3.29 -21.48
C GLN A 149 19.92 -2.91 -22.38
N ASP A 150 20.19 -2.59 -23.64
CA ASP A 150 19.14 -2.45 -24.63
C ASP A 150 18.20 -3.64 -24.54
N ALA A 151 16.90 -3.34 -24.35
CA ALA A 151 15.92 -4.40 -24.12
C ALA A 151 15.66 -5.21 -25.39
N GLU A 152 16.17 -4.79 -26.54
CA GLU A 152 16.05 -5.53 -27.79
C GLU A 152 17.25 -6.43 -28.04
N SER A 153 18.23 -6.38 -27.15
CA SER A 153 19.46 -7.11 -27.38
C SER A 153 19.58 -8.18 -26.31
N ASN A 154 19.91 -9.42 -26.70
CA ASN A 154 20.16 -10.46 -25.70
C ASN A 154 21.64 -10.79 -25.55
N ILE A 155 22.51 -9.89 -26.04
CA ILE A 155 23.93 -10.02 -25.80
C ILE A 155 24.36 -8.92 -24.83
N ILE A 156 24.94 -9.34 -23.70
CA ILE A 156 25.32 -8.48 -22.59
C ILE A 156 26.82 -8.32 -22.65
N PRO A 157 27.35 -7.13 -23.01
CA PRO A 157 28.81 -6.89 -22.93
C PRO A 157 29.27 -6.68 -21.50
N VAL A 158 30.20 -7.51 -20.99
CA VAL A 158 30.55 -7.43 -19.59
C VAL A 158 31.91 -6.74 -19.42
N SER A 159 32.24 -6.43 -18.15
CA SER A 159 33.32 -5.50 -17.80
C SER A 159 34.76 -5.98 -18.10
N ASN A 160 34.97 -7.26 -18.46
CA ASN A 160 36.27 -7.73 -18.91
C ASN A 160 36.37 -7.81 -20.44
N GLY A 161 35.36 -7.36 -21.18
CA GLY A 161 35.40 -7.41 -22.62
C GLY A 161 34.56 -8.54 -23.23
N ASP A 162 34.27 -9.55 -22.42
CA ASP A 162 33.47 -10.69 -22.91
C ASP A 162 32.03 -10.23 -23.21
N HIS A 163 31.31 -11.15 -23.91
CA HIS A 163 29.89 -11.05 -24.26
C HIS A 163 29.16 -12.32 -23.81
N TYR A 164 28.04 -12.11 -23.13
CA TYR A 164 27.21 -13.21 -22.66
C TYR A 164 25.86 -13.14 -23.32
N GLN A 165 25.45 -14.24 -23.99
CA GLN A 165 24.09 -14.32 -24.51
C GLN A 165 23.13 -14.66 -23.37
N TRP A 166 22.04 -13.92 -23.20
CA TRP A 166 21.02 -14.16 -22.21
C TRP A 166 20.09 -15.24 -22.77
N ASN A 167 20.40 -16.50 -22.41
CA ASN A 167 19.77 -17.70 -22.95
C ASN A 167 18.43 -17.95 -22.28
N SER A 168 18.38 -17.84 -20.96
CA SER A 168 17.23 -18.19 -20.18
C SER A 168 17.19 -17.35 -18.92
N SER A 169 16.11 -17.59 -18.15
CA SER A 169 15.82 -16.82 -16.97
C SER A 169 15.07 -17.65 -15.94
N ILE A 170 15.26 -17.29 -14.67
CA ILE A 170 14.43 -17.83 -13.62
C ILE A 170 13.82 -16.64 -12.91
N TYR A 171 12.49 -16.54 -12.93
CA TYR A 171 11.81 -15.37 -12.37
C TYR A 171 11.01 -15.81 -11.12
N GLY A 172 10.70 -14.85 -10.23
CA GLY A 172 9.89 -15.13 -9.05
C GLY A 172 10.68 -15.15 -7.75
N TYR A 173 11.98 -14.76 -7.77
CA TYR A 173 12.74 -14.70 -6.51
C TYR A 173 12.23 -13.55 -5.64
N ARG B 1 -35.57 -12.91 26.10
CA ARG B 1 -35.90 -11.58 25.50
C ARG B 1 -34.78 -10.56 25.57
N ALA B 2 -34.83 -9.59 24.63
CA ALA B 2 -33.86 -8.49 24.57
C ALA B 2 -34.60 -7.15 24.58
N GLN B 3 -34.28 -6.31 25.56
CA GLN B 3 -34.94 -5.03 25.77
C GLN B 3 -34.47 -3.97 24.78
N TYR B 4 -33.32 -4.19 24.13
CA TYR B 4 -32.72 -3.25 23.20
C TYR B 4 -31.76 -4.02 22.33
N VAL B 5 -31.68 -3.65 21.06
CA VAL B 5 -30.76 -4.29 20.15
C VAL B 5 -30.23 -3.24 19.19
N ASN B 6 -28.91 -3.27 18.98
CA ASN B 6 -28.22 -2.40 18.05
C ASN B 6 -27.30 -3.26 17.22
N GLN B 7 -27.49 -3.23 15.91
CA GLN B 7 -26.71 -4.11 15.07
C GLN B 7 -26.08 -3.29 13.95
N LEU B 8 -24.88 -3.73 13.57
CA LEU B 8 -24.15 -3.15 12.47
C LEU B 8 -24.91 -3.41 11.17
N LYS B 9 -25.36 -2.30 10.57
CA LYS B 9 -26.48 -2.24 9.63
C LYS B 9 -26.52 -3.39 8.59
N ASN B 10 -25.53 -3.43 7.70
CA ASN B 10 -25.59 -4.25 6.50
C ASN B 10 -24.69 -5.49 6.65
N PHE B 11 -24.42 -5.90 7.89
CA PHE B 11 -23.56 -7.04 8.08
C PHE B 11 -24.27 -8.30 7.60
N LYS B 12 -23.50 -9.15 6.94
CA LYS B 12 -24.00 -10.38 6.38
C LYS B 12 -22.86 -11.37 6.42
N ILE B 13 -23.11 -12.58 6.91
CA ILE B 13 -22.19 -13.69 6.73
C ILE B 13 -22.27 -14.20 5.27
N ARG B 14 -21.13 -14.06 4.57
CA ARG B 14 -21.03 -14.45 3.17
C ARG B 14 -20.10 -15.66 2.97
N GLU B 15 -19.20 -15.89 3.91
CA GLU B 15 -18.20 -16.92 3.80
C GLU B 15 -17.77 -17.33 5.21
N THR B 16 -17.22 -18.53 5.30
CA THR B 16 -16.76 -19.06 6.57
C THR B 16 -15.35 -19.64 6.46
N GLN B 17 -14.67 -19.56 7.61
CA GLN B 17 -13.27 -19.99 7.64
C GLN B 17 -13.12 -21.47 7.96
N GLY B 18 -12.47 -22.18 7.05
CA GLY B 18 -12.14 -23.56 7.26
C GLY B 18 -10.65 -23.75 7.50
N ASN B 19 -9.99 -24.55 6.61
CA ASN B 19 -8.61 -24.98 6.79
C ASN B 19 -7.66 -23.92 6.22
N ASN B 20 -7.58 -22.80 6.93
CA ASN B 20 -6.72 -21.71 6.53
C ASN B 20 -6.40 -20.85 7.73
N GLY B 21 -5.44 -19.96 7.51
CA GLY B 21 -5.03 -19.04 8.56
C GLY B 21 -5.51 -17.61 8.32
N TRP B 22 -6.71 -17.44 7.73
CA TRP B 22 -7.16 -16.16 7.19
C TRP B 22 -8.22 -15.45 8.07
N CYS B 23 -8.31 -15.83 9.33
CA CYS B 23 -9.35 -15.26 10.16
C CYS B 23 -9.46 -13.73 10.11
N ALA B 24 -8.30 -13.03 10.18
CA ALA B 24 -8.28 -11.58 10.06
C ALA B 24 -8.86 -11.12 8.70
N GLY B 25 -8.58 -11.83 7.60
CA GLY B 25 -9.17 -11.59 6.29
C GLY B 25 -10.69 -11.73 6.29
N TYR B 26 -11.17 -12.83 6.88
CA TYR B 26 -12.63 -12.96 7.01
C TYR B 26 -13.19 -11.80 7.82
N THR B 27 -12.59 -11.53 8.99
CA THR B 27 -13.07 -10.49 9.88
C THR B 27 -13.18 -9.16 9.14
N MET B 28 -12.05 -8.70 8.55
CA MET B 28 -12.02 -7.39 7.97
C MET B 28 -12.93 -7.36 6.73
N SER B 29 -12.98 -8.45 5.95
CA SER B 29 -13.91 -8.52 4.82
C SER B 29 -15.35 -8.30 5.24
N ALA B 30 -15.80 -9.00 6.28
CA ALA B 30 -17.17 -8.84 6.73
C ALA B 30 -17.47 -7.44 7.22
N LEU B 31 -16.55 -6.91 8.03
CA LEU B 31 -16.75 -5.58 8.59
C LEU B 31 -16.78 -4.53 7.46
N LEU B 32 -15.80 -4.55 6.51
CA LEU B 32 -15.73 -3.55 5.43
C LEU B 32 -16.95 -3.71 4.50
N ASN B 33 -17.34 -4.97 4.26
CA ASN B 33 -18.57 -5.20 3.52
C ASN B 33 -19.76 -4.54 4.19
N ALA B 34 -19.88 -4.67 5.51
CA ALA B 34 -20.97 -4.03 6.23
C ALA B 34 -20.95 -2.50 6.08
N THR B 35 -19.80 -1.91 6.38
CA THR B 35 -19.77 -0.46 6.51
C THR B 35 -19.78 0.26 5.18
N TYR B 36 -19.27 -0.40 4.14
CA TYR B 36 -19.36 0.02 2.75
C TYR B 36 -20.64 -0.47 2.07
N ASN B 37 -21.46 -1.25 2.78
CA ASN B 37 -22.64 -1.87 2.18
C ASN B 37 -22.28 -2.44 0.80
N THR B 38 -21.39 -3.47 0.77
CA THR B 38 -20.91 -4.05 -0.46
C THR B 38 -20.67 -5.52 -0.20
N ASP B 39 -20.42 -6.23 -1.29
CA ASP B 39 -20.02 -7.63 -1.23
C ASP B 39 -18.64 -7.85 -1.83
N ARG B 40 -17.89 -6.78 -2.13
CA ARG B 40 -16.66 -6.91 -2.88
C ARG B 40 -15.53 -7.55 -2.05
N TYR B 41 -15.58 -7.49 -0.72
CA TYR B 41 -14.45 -7.97 0.04
C TYR B 41 -14.62 -9.46 0.28
N ASN B 42 -13.48 -10.19 0.26
CA ASN B 42 -13.45 -11.57 0.71
C ASN B 42 -12.06 -11.97 1.20
N ALA B 43 -11.98 -13.01 2.03
CA ALA B 43 -10.85 -13.22 2.90
C ALA B 43 -9.65 -13.48 2.03
N GLU B 44 -9.82 -14.29 0.98
CA GLU B 44 -8.65 -14.71 0.20
C GLU B 44 -8.08 -13.53 -0.55
N ALA B 45 -8.91 -12.59 -0.98
CA ALA B 45 -8.44 -11.47 -1.76
C ALA B 45 -7.77 -10.46 -0.84
N VAL B 46 -8.29 -10.37 0.39
CA VAL B 46 -7.61 -9.55 1.39
C VAL B 46 -6.19 -10.11 1.65
N MET B 47 -6.09 -11.41 1.92
CA MET B 47 -4.79 -12.05 2.19
C MET B 47 -3.84 -11.93 0.99
N ARG B 48 -4.34 -12.05 -0.24
CA ARG B 48 -3.50 -11.96 -1.44
C ARG B 48 -2.98 -10.53 -1.61
N TYR B 49 -3.78 -9.50 -1.30
CA TYR B 49 -3.37 -8.11 -1.32
C TYR B 49 -2.23 -7.88 -0.35
N LEU B 50 -2.32 -8.42 0.87
CA LEU B 50 -1.30 -8.20 1.88
C LEU B 50 -0.10 -9.12 1.69
N HIS B 51 -0.28 -10.35 1.18
CA HIS B 51 0.79 -11.35 1.03
C HIS B 51 0.92 -11.75 -0.43
N PRO B 52 1.25 -10.79 -1.32
CA PRO B 52 1.21 -11.08 -2.75
C PRO B 52 2.14 -12.19 -3.22
N ASN B 53 3.23 -12.41 -2.48
CA ASN B 53 4.29 -13.26 -2.97
C ASN B 53 4.44 -14.49 -2.09
N LEU B 54 3.53 -14.68 -1.11
CA LEU B 54 3.51 -15.97 -0.43
C LEU B 54 2.85 -17.02 -1.32
N GLN B 55 3.29 -18.27 -1.13
CA GLN B 55 2.96 -19.41 -1.98
C GLN B 55 2.53 -20.59 -1.10
N GLY B 56 1.70 -21.47 -1.70
CA GLY B 56 1.28 -22.75 -1.15
C GLY B 56 0.95 -22.65 0.33
N ASP B 57 1.63 -23.47 1.11
CA ASP B 57 1.24 -23.65 2.49
C ASP B 57 1.49 -22.36 3.26
N ASP B 58 2.60 -21.65 3.02
CA ASP B 58 2.81 -20.32 3.61
C ASP B 58 1.60 -19.39 3.47
N PHE B 59 1.13 -19.26 2.24
CA PHE B 59 -0.03 -18.42 1.98
C PHE B 59 -1.29 -18.92 2.67
N GLN B 60 -1.52 -20.26 2.67
CA GLN B 60 -2.73 -20.84 3.25
C GLN B 60 -2.85 -20.51 4.76
N PHE B 61 -1.72 -20.52 5.45
CA PHE B 61 -1.72 -20.62 6.89
C PHE B 61 -1.09 -19.39 7.56
N THR B 62 -0.44 -18.48 6.83
CA THR B 62 0.11 -17.31 7.49
C THR B 62 -0.97 -16.25 7.78
N GLY B 63 -1.22 -15.95 9.06
CA GLY B 63 -2.18 -14.91 9.41
C GLY B 63 -1.59 -13.52 9.30
N LEU B 64 -2.20 -12.61 10.04
CA LEU B 64 -1.89 -11.20 9.92
C LEU B 64 -1.58 -10.68 11.31
N THR B 65 -0.57 -9.84 11.38
CA THR B 65 -0.24 -9.15 12.61
C THR B 65 -1.24 -8.03 12.83
N PRO B 66 -1.31 -7.44 14.03
CA PRO B 66 -2.14 -6.25 14.23
C PRO B 66 -1.73 -5.12 13.26
N GLN B 67 -0.43 -4.97 13.00
CA GLN B 67 0.03 -3.91 12.11
C GLN B 67 -0.50 -4.16 10.70
N GLU B 68 -0.51 -5.41 10.25
CA GLU B 68 -1.01 -5.68 8.92
C GLU B 68 -2.52 -5.36 8.87
N MET B 69 -3.29 -5.66 9.92
CA MET B 69 -4.72 -5.41 9.93
C MET B 69 -4.97 -3.91 9.87
N MET B 70 -4.13 -3.17 10.58
CA MET B 70 -4.17 -1.70 10.58
C MET B 70 -3.88 -1.14 9.17
N LYS B 71 -2.85 -1.70 8.55
CA LYS B 71 -2.40 -1.30 7.22
C LYS B 71 -3.55 -1.58 6.23
N TYR B 72 -4.23 -2.71 6.36
CA TYR B 72 -5.31 -3.04 5.43
C TYR B 72 -6.46 -2.04 5.61
N GLY B 73 -6.87 -1.81 6.84
CA GLY B 73 -7.90 -0.80 7.08
C GLY B 73 -7.58 0.55 6.43
N LYS B 74 -6.35 1.05 6.64
CA LYS B 74 -5.89 2.33 6.12
C LYS B 74 -5.98 2.28 4.59
N SER B 75 -5.58 1.17 4.00
CA SER B 75 -5.59 1.02 2.55
C SER B 75 -7.00 1.07 1.92
N GLN B 76 -8.04 0.80 2.70
CA GLN B 76 -9.41 0.73 2.22
C GLN B 76 -10.22 1.92 2.64
N GLY B 77 -9.54 3.03 2.93
CA GLY B 77 -10.20 4.28 3.22
C GLY B 77 -10.83 4.29 4.60
N ARG B 78 -10.19 3.63 5.57
CA ARG B 78 -10.69 3.67 6.93
C ARG B 78 -9.60 4.11 7.90
N ASP B 79 -9.98 4.90 8.88
CA ASP B 79 -9.01 5.40 9.83
C ASP B 79 -9.11 4.51 11.05
N THR B 80 -8.44 3.36 10.97
CA THR B 80 -8.50 2.36 12.03
C THR B 80 -7.54 2.76 13.16
N GLN B 81 -8.00 2.44 14.38
CA GLN B 81 -7.39 2.69 15.66
C GLN B 81 -7.15 1.39 16.41
N TYR B 82 -6.01 1.27 17.11
CA TYR B 82 -5.70 0.13 17.96
C TYR B 82 -6.08 0.50 19.38
N LEU B 83 -6.84 -0.41 20.00
CA LEU B 83 -7.27 -0.35 21.39
C LEU B 83 -6.66 -1.59 22.06
N ASN B 84 -5.87 -1.34 23.11
CA ASN B 84 -5.16 -2.39 23.79
C ASN B 84 -6.03 -3.02 24.87
N ARG B 85 -7.29 -3.33 24.52
CA ARG B 85 -8.25 -3.88 25.45
C ARG B 85 -9.50 -4.25 24.63
N MET B 86 -10.47 -4.87 25.31
CA MET B 86 -11.82 -5.04 24.85
C MET B 86 -12.54 -3.71 25.08
N PRO B 87 -13.51 -3.34 24.23
CA PRO B 87 -14.33 -2.15 24.49
C PRO B 87 -15.42 -2.50 25.49
N SER B 88 -15.96 -1.47 26.14
CA SER B 88 -17.18 -1.60 26.92
C SER B 88 -18.40 -1.80 26.01
N TYR B 89 -19.49 -2.21 26.66
CA TYR B 89 -20.78 -2.17 26.01
C TYR B 89 -21.07 -0.82 25.39
N ASN B 90 -20.88 0.25 26.16
CA ASN B 90 -21.16 1.58 25.65
C ASN B 90 -20.34 1.93 24.41
N GLU B 91 -19.06 1.61 24.38
CA GLU B 91 -18.16 1.93 23.28
C GLU B 91 -18.68 1.17 22.06
N VAL B 92 -19.08 -0.10 22.27
CA VAL B 92 -19.62 -0.84 21.15
C VAL B 92 -20.87 -0.16 20.62
N ASP B 93 -21.81 0.13 21.51
CA ASP B 93 -23.06 0.72 21.09
C ASP B 93 -22.81 1.95 20.24
N LYS B 94 -21.91 2.83 20.70
CA LYS B 94 -21.66 4.09 20.05
C LYS B 94 -20.96 3.86 18.71
N LEU B 95 -20.00 2.93 18.66
CA LEU B 95 -19.28 2.64 17.41
C LEU B 95 -20.29 2.06 16.42
N THR B 96 -21.23 1.23 16.90
CA THR B 96 -22.18 0.52 16.03
C THR B 96 -23.16 1.53 15.41
N THR B 97 -23.64 2.44 16.25
CA THR B 97 -24.53 3.50 15.80
C THR B 97 -23.84 4.31 14.72
N ASN B 98 -22.53 4.60 14.91
CA ASN B 98 -21.76 5.42 13.99
C ASN B 98 -21.19 4.63 12.82
N ASN B 99 -21.66 3.38 12.70
CA ASN B 99 -21.36 2.55 11.56
CA ASN B 99 -21.37 2.53 11.56
C ASN B 99 -19.85 2.34 11.43
N LYS B 100 -19.22 2.03 12.56
CA LYS B 100 -17.79 1.76 12.68
C LYS B 100 -17.60 0.30 13.07
N ASP B 101 -16.82 -0.44 12.28
CA ASP B 101 -16.49 -1.84 12.49
C ASP B 101 -15.39 -2.12 13.51
N ILE B 102 -15.61 -3.15 14.34
CA ILE B 102 -14.68 -3.55 15.39
C ILE B 102 -14.16 -4.95 15.09
N ALA B 103 -12.83 -5.05 14.96
CA ALA B 103 -12.15 -6.36 14.93
C ALA B 103 -11.68 -6.73 16.35
N ILE B 104 -11.94 -7.97 16.74
CA ILE B 104 -11.50 -8.59 17.98
C ILE B 104 -10.19 -9.33 17.76
N LEU B 105 -9.19 -9.04 18.59
CA LEU B 105 -7.91 -9.73 18.57
C LEU B 105 -7.80 -10.64 19.80
N GLY B 106 -7.92 -11.93 19.59
CA GLY B 106 -8.03 -12.85 20.71
C GLY B 106 -6.86 -13.80 20.76
N SER B 107 -6.64 -14.38 21.96
CA SER B 107 -5.67 -15.45 22.11
C SER B 107 -6.36 -16.58 22.85
N ARG B 108 -6.04 -17.81 22.41
CA ARG B 108 -6.59 -19.05 22.97
CA ARG B 108 -6.64 -18.99 22.99
C ARG B 108 -6.05 -19.22 24.38
N VAL B 109 -6.96 -19.49 25.31
CA VAL B 109 -6.62 -19.80 26.68
C VAL B 109 -6.00 -21.20 26.79
N GLU B 110 -6.68 -22.21 26.23
CA GLU B 110 -6.14 -23.55 26.04
C GLU B 110 -4.81 -23.55 25.30
N SER B 111 -3.97 -24.52 25.67
CA SER B 111 -2.67 -24.65 24.99
C SER B 111 -2.05 -26.03 25.29
N THR B 112 -1.65 -26.70 24.21
CA THR B 112 -1.07 -28.03 24.28
C THR B 112 0.45 -27.90 24.42
N ASP B 113 1.05 -27.05 23.56
CA ASP B 113 2.50 -26.93 23.40
C ASP B 113 3.07 -25.63 23.98
N GLY B 114 2.32 -24.95 24.86
CA GLY B 114 2.72 -23.67 25.44
C GLY B 114 2.41 -22.47 24.55
N ILE B 115 2.05 -22.73 23.31
CA ILE B 115 1.67 -21.66 22.41
C ILE B 115 0.18 -21.39 22.59
N HIS B 116 -0.16 -20.10 22.60
CA HIS B 116 -1.57 -19.72 22.66
C HIS B 116 -1.98 -19.03 21.38
N ALA B 117 -2.67 -19.79 20.54
CA ALA B 117 -3.00 -19.35 19.20
C ALA B 117 -3.81 -18.07 19.19
N GLY B 118 -3.57 -17.27 18.15
CA GLY B 118 -4.28 -16.03 17.98
C GLY B 118 -5.41 -16.21 16.99
N HIS B 119 -6.47 -15.42 17.14
CA HIS B 119 -7.62 -15.56 16.28
C HIS B 119 -8.34 -14.22 16.27
N ALA B 120 -8.91 -13.86 15.14
CA ALA B 120 -9.59 -12.58 14.91
C ALA B 120 -11.04 -12.83 14.62
N MET B 121 -11.93 -12.07 15.28
CA MET B 121 -13.36 -12.18 15.02
C MET B 121 -13.94 -10.78 14.92
N ALA B 122 -15.23 -10.74 14.54
CA ALA B 122 -15.89 -9.46 14.21
C ALA B 122 -16.98 -9.15 15.24
N VAL B 123 -17.06 -7.91 15.74
CA VAL B 123 -18.25 -7.46 16.44
C VAL B 123 -19.37 -7.18 15.43
N VAL B 124 -20.61 -7.57 15.72
CA VAL B 124 -21.72 -7.26 14.84
C VAL B 124 -22.76 -6.38 15.52
N GLY B 125 -22.57 -6.09 16.81
CA GLY B 125 -23.51 -5.24 17.51
C GLY B 125 -23.53 -5.55 18.97
N ASN B 126 -24.65 -5.19 19.60
CA ASN B 126 -24.76 -5.25 21.05
C ASN B 126 -26.24 -5.25 21.39
N ALA B 127 -26.55 -5.61 22.64
CA ALA B 127 -27.94 -5.64 23.06
C ALA B 127 -28.02 -5.54 24.58
N GLU B 128 -29.20 -5.20 25.09
CA GLU B 128 -29.51 -5.38 26.49
C GLU B 128 -30.56 -6.48 26.56
N LEU B 129 -30.22 -7.60 27.23
CA LEU B 129 -31.24 -8.60 27.51
C LEU B 129 -32.25 -8.09 28.52
N GLU B 130 -33.42 -8.71 28.47
CA GLU B 130 -34.41 -8.48 29.50
C GLU B 130 -33.75 -8.66 30.87
N GLY B 131 -33.82 -7.61 31.66
CA GLY B 131 -33.33 -7.63 33.03
C GLY B 131 -32.12 -6.72 33.20
N GLY B 132 -31.48 -6.39 32.07
CA GLY B 132 -30.44 -5.40 32.05
C GLY B 132 -29.10 -5.93 31.58
N GLN B 133 -28.94 -7.26 31.49
CA GLN B 133 -27.64 -7.79 31.07
C GLN B 133 -27.24 -7.25 29.70
N GLU B 134 -26.06 -6.64 29.66
CA GLU B 134 -25.48 -6.09 28.46
C GLU B 134 -24.69 -7.19 27.71
N VAL B 135 -24.88 -7.32 26.41
CA VAL B 135 -24.13 -8.30 25.64
C VAL B 135 -23.61 -7.63 24.38
N ILE B 136 -22.54 -8.20 23.85
CA ILE B 136 -21.93 -7.87 22.58
C ILE B 136 -22.14 -9.08 21.69
N MET B 137 -22.57 -8.79 20.47
CA MET B 137 -22.83 -9.83 19.47
C MET B 137 -21.60 -9.96 18.61
N ILE B 138 -21.21 -11.21 18.40
CA ILE B 138 -19.93 -11.56 17.78
C ILE B 138 -20.12 -12.56 16.64
N TRP B 139 -19.41 -12.29 15.53
CA TRP B 139 -19.26 -13.28 14.46
C TRP B 139 -17.86 -13.91 14.52
N ASN B 140 -17.79 -15.21 14.89
CA ASN B 140 -16.56 -15.95 14.72
C ASN B 140 -16.54 -16.51 13.29
N PRO B 141 -15.50 -16.18 12.49
CA PRO B 141 -15.45 -16.66 11.10
C PRO B 141 -15.69 -18.14 10.78
N TRP B 142 -15.61 -18.97 11.81
CA TRP B 142 -15.85 -20.39 11.67
C TRP B 142 -17.34 -20.69 11.38
N ASP B 143 -18.21 -19.77 11.82
CA ASP B 143 -19.60 -20.05 12.16
C ASP B 143 -20.59 -19.42 11.17
N ARG B 144 -21.77 -20.02 11.13
CA ARG B 144 -22.86 -19.58 10.26
C ARG B 144 -23.83 -18.65 11.01
N GLY B 145 -23.53 -18.40 12.28
CA GLY B 145 -24.34 -17.54 13.10
C GLY B 145 -23.50 -16.75 14.08
N PHE B 146 -24.15 -16.11 15.04
CA PHE B 146 -23.49 -15.20 15.95
C PHE B 146 -23.50 -15.73 17.37
N MET B 147 -22.50 -15.27 18.14
CA MET B 147 -22.41 -15.48 19.56
C MET B 147 -22.90 -14.28 20.34
N THR B 148 -23.47 -14.58 21.50
CA THR B 148 -23.92 -13.54 22.43
C THR B 148 -22.90 -13.50 23.56
N GLN B 149 -22.17 -12.40 23.72
CA GLN B 149 -21.06 -12.32 24.68
C GLN B 149 -21.43 -11.38 25.83
N ASP B 150 -21.41 -11.86 27.09
CA ASP B 150 -21.55 -11.06 28.29
C ASP B 150 -20.54 -9.92 28.22
N ALA B 151 -20.97 -8.66 28.25
CA ALA B 151 -20.10 -7.54 27.94
C ALA B 151 -19.18 -7.23 29.12
N GLU B 152 -19.35 -7.94 30.23
CA GLU B 152 -18.43 -7.82 31.34
C GLU B 152 -17.34 -8.90 31.30
N SER B 153 -17.44 -9.87 30.39
CA SER B 153 -16.48 -10.97 30.27
C SER B 153 -15.61 -10.73 29.04
N ASN B 154 -14.28 -10.89 29.16
CA ASN B 154 -13.42 -10.83 28.00
C ASN B 154 -12.97 -12.23 27.55
N ILE B 155 -13.64 -13.28 28.02
CA ILE B 155 -13.41 -14.65 27.55
C ILE B 155 -14.59 -15.08 26.67
N ILE B 156 -14.31 -15.34 25.41
CA ILE B 156 -15.31 -15.75 24.43
C ILE B 156 -15.25 -17.25 24.24
N PRO B 157 -16.28 -18.01 24.68
CA PRO B 157 -16.30 -19.42 24.37
C PRO B 157 -16.73 -19.65 22.94
N VAL B 158 -15.93 -20.39 22.17
CA VAL B 158 -16.17 -20.54 20.74
C VAL B 158 -16.72 -21.92 20.48
N SER B 159 -17.11 -22.14 19.24
CA SER B 159 -17.96 -23.29 18.90
C SER B 159 -17.27 -24.66 18.93
N ASN B 160 -15.93 -24.73 19.00
CA ASN B 160 -15.24 -26.01 19.17
C ASN B 160 -14.87 -26.32 20.62
N GLY B 161 -15.34 -25.49 21.55
CA GLY B 161 -15.16 -25.60 22.98
C GLY B 161 -13.94 -24.85 23.50
N ASP B 162 -13.14 -24.28 22.60
CA ASP B 162 -12.02 -23.46 23.07
C ASP B 162 -12.53 -22.12 23.63
N HIS B 163 -11.63 -21.43 24.34
CA HIS B 163 -11.90 -20.08 24.89
C HIS B 163 -10.81 -19.13 24.39
N TYR B 164 -11.22 -17.95 23.93
CA TYR B 164 -10.37 -16.89 23.41
C TYR B 164 -10.51 -15.68 24.32
N GLN B 165 -9.40 -15.18 24.82
CA GLN B 165 -9.43 -13.93 25.53
C GLN B 165 -9.31 -12.83 24.47
N TRP B 166 -10.19 -11.88 24.65
CA TRP B 166 -10.31 -10.67 23.87
C TRP B 166 -9.31 -9.68 24.43
N ASN B 167 -8.14 -9.65 23.80
CA ASN B 167 -6.99 -8.89 24.30
C ASN B 167 -6.96 -7.45 23.83
N SER B 168 -7.31 -7.26 22.58
CA SER B 168 -7.20 -5.94 21.95
C SER B 168 -8.25 -5.89 20.87
N SER B 169 -8.38 -4.70 20.28
CA SER B 169 -9.42 -4.43 19.27
C SER B 169 -8.80 -3.49 18.23
N ILE B 170 -9.28 -3.60 17.00
CA ILE B 170 -9.03 -2.53 16.04
C ILE B 170 -10.39 -1.99 15.61
N TYR B 171 -10.65 -0.69 15.82
CA TYR B 171 -11.97 -0.18 15.46
C TYR B 171 -11.85 0.85 14.35
N GLY B 172 -12.98 0.99 13.63
CA GLY B 172 -13.16 1.99 12.60
C GLY B 172 -13.10 1.41 11.20
N TYR B 173 -13.22 0.08 11.05
CA TYR B 173 -13.49 -0.48 9.73
C TYR B 173 -14.83 -0.01 9.18
N ARG C 1 -14.06 41.86 8.99
CA ARG C 1 -14.28 41.03 10.19
C ARG C 1 -15.38 40.01 9.91
N ALA C 2 -15.29 38.86 10.58
CA ALA C 2 -16.37 37.91 10.56
C ALA C 2 -16.70 37.52 12.00
N GLN C 3 -17.98 37.29 12.31
CA GLN C 3 -18.22 36.85 13.67
C GLN C 3 -18.63 35.38 13.67
N TYR C 4 -18.49 34.71 12.55
CA TYR C 4 -18.60 33.28 12.45
C TYR C 4 -17.51 32.83 11.51
N VAL C 5 -16.60 32.00 12.01
CA VAL C 5 -15.51 31.43 11.26
C VAL C 5 -15.33 29.97 11.64
N ASN C 6 -15.60 29.10 10.70
CA ASN C 6 -15.49 27.69 10.96
C ASN C 6 -14.33 27.21 10.13
N GLN C 7 -13.18 26.94 10.75
CA GLN C 7 -12.03 26.44 10.04
C GLN C 7 -11.56 25.07 10.49
N LEU C 8 -11.03 24.32 9.51
CA LEU C 8 -10.32 23.10 9.78
C LEU C 8 -9.27 23.39 10.85
N LYS C 9 -9.31 22.80 12.06
CA LYS C 9 -8.78 23.49 13.24
C LYS C 9 -7.24 23.54 13.29
N ASN C 10 -6.61 22.46 12.77
CA ASN C 10 -5.18 22.26 12.71
C ASN C 10 -4.65 22.47 11.29
N PHE C 11 -5.38 23.21 10.45
CA PHE C 11 -4.84 23.60 9.14
C PHE C 11 -3.65 24.56 9.30
N LYS C 12 -2.60 24.28 8.55
CA LYS C 12 -1.39 25.08 8.65
C LYS C 12 -0.70 25.06 7.29
N ILE C 13 -0.40 26.25 6.80
CA ILE C 13 0.47 26.31 5.61
C ILE C 13 1.91 25.99 6.01
N ARG C 14 2.45 24.96 5.39
CA ARG C 14 3.80 24.53 5.74
C ARG C 14 4.78 24.51 4.56
N GLU C 15 4.23 24.71 3.36
CA GLU C 15 4.96 24.73 2.11
C GLU C 15 4.07 25.43 1.09
N THR C 16 4.72 25.90 0.02
CA THR C 16 4.05 26.54 -1.10
C THR C 16 4.60 25.99 -2.40
N GLN C 17 3.75 26.17 -3.40
CA GLN C 17 4.02 25.65 -4.71
C GLN C 17 4.77 26.66 -5.57
N GLY C 18 5.95 26.23 -6.05
CA GLY C 18 6.66 26.99 -7.06
C GLY C 18 6.66 26.32 -8.42
N ASN C 19 7.87 26.11 -8.93
CA ASN C 19 8.09 25.55 -10.25
C ASN C 19 7.97 24.01 -10.26
N ASN C 20 6.73 23.53 -10.16
CA ASN C 20 6.38 22.13 -10.23
C ASN C 20 4.88 22.01 -10.54
N GLY C 21 4.50 20.81 -10.89
CA GLY C 21 3.09 20.52 -11.19
C GLY C 21 2.46 19.64 -10.09
N TRP C 22 2.76 20.01 -8.83
CA TRP C 22 2.35 19.25 -7.67
C TRP C 22 1.20 19.83 -6.87
N CYS C 23 0.41 20.76 -7.47
CA CYS C 23 -0.65 21.40 -6.74
C CYS C 23 -1.51 20.38 -5.97
N ALA C 24 -1.87 19.22 -6.57
CA ALA C 24 -2.76 18.27 -5.88
C ALA C 24 -2.02 17.61 -4.72
N GLY C 25 -0.71 17.38 -4.81
CA GLY C 25 0.07 16.94 -3.64
C GLY C 25 0.11 17.95 -2.49
N TYR C 26 0.29 19.23 -2.83
CA TYR C 26 0.23 20.32 -1.87
C TYR C 26 -1.13 20.30 -1.21
N THR C 27 -2.18 20.16 -2.02
CA THR C 27 -3.55 20.28 -1.56
C THR C 27 -3.82 19.16 -0.54
N MET C 28 -3.56 17.91 -0.94
CA MET C 28 -3.96 16.77 -0.15
C MET C 28 -3.06 16.73 1.10
N SER C 29 -1.81 17.16 0.95
CA SER C 29 -0.87 17.21 2.08
C SER C 29 -1.40 18.09 3.17
N ALA C 30 -1.78 19.30 2.78
CA ALA C 30 -2.31 20.25 3.75
C ALA C 30 -3.59 19.73 4.40
N LEU C 31 -4.50 19.16 3.59
CA LEU C 31 -5.77 18.71 4.14
C LEU C 31 -5.53 17.58 5.13
N LEU C 32 -4.74 16.57 4.74
CA LEU C 32 -4.54 15.38 5.57
C LEU C 32 -3.71 15.72 6.82
N ASN C 33 -2.73 16.63 6.69
CA ASN C 33 -2.04 17.13 7.87
C ASN C 33 -3.04 17.75 8.84
N ALA C 34 -3.98 18.52 8.28
CA ALA C 34 -4.97 19.17 9.15
C ALA C 34 -5.78 18.12 9.92
N THR C 35 -6.38 17.19 9.17
CA THR C 35 -7.40 16.32 9.73
C THR C 35 -6.71 15.27 10.61
N TYR C 36 -5.49 14.87 10.23
CA TYR C 36 -4.73 13.93 11.07
C TYR C 36 -3.88 14.64 12.13
N ASN C 37 -3.93 15.97 12.12
CA ASN C 37 -3.24 16.79 13.09
C ASN C 37 -1.76 16.36 13.12
N THR C 38 -1.12 16.49 11.95
CA THR C 38 0.26 16.01 11.84
C THR C 38 0.98 16.92 10.85
N ASP C 39 2.28 16.67 10.70
CA ASP C 39 3.11 17.33 9.71
C ASP C 39 3.76 16.35 8.74
N ARG C 40 3.39 15.06 8.79
CA ARG C 40 4.08 14.00 8.04
C ARG C 40 3.83 14.00 6.53
N TYR C 41 2.75 14.63 6.05
CA TYR C 41 2.51 14.75 4.63
C TYR C 41 3.26 15.93 4.04
N ASN C 42 3.78 15.78 2.79
CA ASN C 42 4.32 16.89 2.03
C ASN C 42 4.15 16.62 0.52
N ALA C 43 4.07 17.69 -0.34
CA ALA C 43 3.71 17.52 -1.74
C ALA C 43 4.64 16.52 -2.44
N GLU C 44 5.96 16.68 -2.29
CA GLU C 44 6.87 15.83 -3.05
C GLU C 44 6.68 14.37 -2.66
N ALA C 45 6.56 14.11 -1.37
CA ALA C 45 6.34 12.77 -0.85
C ALA C 45 5.09 12.14 -1.44
N VAL C 46 3.98 12.90 -1.40
CA VAL C 46 2.75 12.44 -2.02
C VAL C 46 3.00 12.06 -3.49
N MET C 47 3.67 12.94 -4.23
CA MET C 47 3.80 12.76 -5.68
C MET C 47 4.69 11.55 -5.93
N ARG C 48 5.72 11.37 -5.09
CA ARG C 48 6.62 10.22 -5.19
C ARG C 48 5.91 8.91 -4.85
N TYR C 49 4.97 8.92 -3.90
CA TYR C 49 4.16 7.73 -3.62
C TYR C 49 3.34 7.31 -4.83
N LEU C 50 2.74 8.29 -5.48
CA LEU C 50 1.83 8.08 -6.60
C LEU C 50 2.57 7.85 -7.93
N HIS C 51 3.76 8.43 -8.09
CA HIS C 51 4.57 8.38 -9.30
C HIS C 51 5.93 7.84 -8.94
N PRO C 52 6.01 6.58 -8.46
CA PRO C 52 7.24 5.99 -7.94
C PRO C 52 8.35 5.94 -8.97
N ASN C 53 7.99 5.88 -10.26
CA ASN C 53 8.98 5.57 -11.29
C ASN C 53 9.31 6.79 -12.14
N LEU C 54 8.62 7.93 -12.01
CA LEU C 54 9.00 9.07 -12.83
C LEU C 54 10.23 9.77 -12.26
N GLN C 55 11.05 10.27 -13.19
CA GLN C 55 12.27 10.98 -12.85
C GLN C 55 12.33 12.27 -13.71
N GLY C 56 13.27 13.18 -13.38
CA GLY C 56 13.49 14.45 -14.06
C GLY C 56 12.27 15.34 -14.27
N ASP C 57 12.11 15.81 -15.48
CA ASP C 57 11.06 16.79 -15.78
C ASP C 57 9.66 16.17 -15.63
N ASP C 58 9.56 14.89 -15.95
CA ASP C 58 8.29 14.21 -15.91
C ASP C 58 7.83 14.16 -14.47
N PHE C 59 8.77 13.91 -13.54
CA PHE C 59 8.39 13.93 -12.13
C PHE C 59 8.06 15.35 -11.66
N GLN C 60 8.82 16.32 -12.14
CA GLN C 60 8.69 17.70 -11.71
C GLN C 60 7.30 18.22 -12.10
N PHE C 61 6.84 17.88 -13.30
CA PHE C 61 5.68 18.57 -13.87
C PHE C 61 4.39 17.76 -14.03
N THR C 62 4.45 16.44 -13.95
CA THR C 62 3.26 15.64 -14.12
C THR C 62 2.38 15.71 -12.87
N GLY C 63 1.16 16.21 -13.07
CA GLY C 63 0.23 16.32 -11.97
C GLY C 63 -0.56 15.03 -11.73
N LEU C 64 -1.74 15.20 -11.11
CA LEU C 64 -2.59 14.08 -10.69
C LEU C 64 -3.98 14.21 -11.32
N THR C 65 -4.49 13.07 -11.79
CA THR C 65 -5.87 12.99 -12.19
C THR C 65 -6.76 12.97 -10.94
N PRO C 66 -8.07 13.20 -11.13
CA PRO C 66 -9.03 13.03 -10.06
C PRO C 66 -8.99 11.64 -9.46
N GLN C 67 -8.86 10.60 -10.30
CA GLN C 67 -8.77 9.26 -9.82
C GLN C 67 -7.54 9.06 -8.96
N GLU C 68 -6.38 9.66 -9.34
CA GLU C 68 -5.17 9.48 -8.54
C GLU C 68 -5.39 10.19 -7.19
N MET C 69 -6.09 11.33 -7.17
CA MET C 69 -6.39 12.01 -5.92
C MET C 69 -7.36 11.19 -5.00
N MET C 70 -8.38 10.50 -5.56
CA MET C 70 -9.25 9.55 -4.89
C MET C 70 -8.42 8.36 -4.38
N LYS C 71 -7.55 7.82 -5.23
CA LYS C 71 -6.68 6.73 -4.89
C LYS C 71 -5.81 7.13 -3.70
N TYR C 72 -5.28 8.35 -3.69
CA TYR C 72 -4.39 8.73 -2.60
C TYR C 72 -5.16 8.84 -1.27
N GLY C 73 -6.34 9.45 -1.32
CA GLY C 73 -7.11 9.63 -0.07
C GLY C 73 -7.46 8.26 0.53
N LYS C 74 -7.85 7.30 -0.34
CA LYS C 74 -8.31 6.00 0.13
C LYS C 74 -7.11 5.30 0.77
N SER C 75 -5.93 5.49 0.18
CA SER C 75 -4.73 4.86 0.68
C SER C 75 -4.29 5.44 2.02
N GLN C 76 -4.81 6.62 2.39
CA GLN C 76 -4.42 7.23 3.68
C GLN C 76 -5.56 7.16 4.68
N GLY C 77 -6.43 6.15 4.54
CA GLY C 77 -7.48 5.88 5.52
C GLY C 77 -8.67 6.85 5.44
N ARG C 78 -8.94 7.39 4.26
CA ARG C 78 -10.02 8.35 4.12
C ARG C 78 -10.98 7.87 3.05
N ASP C 79 -12.27 8.00 3.32
CA ASP C 79 -13.30 7.55 2.43
C ASP C 79 -13.66 8.72 1.53
N THR C 80 -12.76 9.07 0.59
CA THR C 80 -12.96 10.28 -0.16
C THR C 80 -14.07 10.03 -1.18
N GLN C 81 -14.85 11.07 -1.45
CA GLN C 81 -15.92 11.04 -2.41
C GLN C 81 -15.79 12.16 -3.41
N TYR C 82 -16.17 11.84 -4.65
CA TYR C 82 -16.14 12.77 -5.77
C TYR C 82 -17.49 13.50 -5.82
N LEU C 83 -17.43 14.82 -5.98
CA LEU C 83 -18.61 15.67 -6.12
C LEU C 83 -18.45 16.45 -7.43
N ASN C 84 -19.37 16.35 -8.39
CA ASN C 84 -19.08 16.94 -9.69
C ASN C 84 -19.65 18.36 -9.74
N ARG C 85 -19.28 19.20 -8.76
CA ARG C 85 -19.74 20.58 -8.63
C ARG C 85 -19.00 21.17 -7.42
N MET C 86 -19.24 22.45 -7.13
CA MET C 86 -18.78 23.08 -5.93
C MET C 86 -19.78 22.80 -4.82
N PRO C 87 -19.33 22.66 -3.53
CA PRO C 87 -20.29 22.60 -2.43
C PRO C 87 -20.91 23.95 -2.13
N SER C 88 -22.05 23.93 -1.44
CA SER C 88 -22.63 25.14 -0.88
C SER C 88 -21.89 25.48 0.42
N TYR C 89 -22.08 26.71 0.86
CA TYR C 89 -21.67 27.19 2.17
C TYR C 89 -22.07 26.18 3.21
N ASN C 90 -23.32 25.73 3.13
CA ASN C 90 -23.84 24.87 4.18
C ASN C 90 -23.05 23.55 4.18
N GLU C 91 -22.71 23.06 2.98
CA GLU C 91 -22.07 21.76 2.86
C GLU C 91 -20.65 21.96 3.38
N VAL C 92 -19.99 23.06 3.03
CA VAL C 92 -18.67 23.28 3.61
C VAL C 92 -18.77 23.34 5.14
N ASP C 93 -19.79 24.01 5.65
CA ASP C 93 -19.83 24.23 7.09
C ASP C 93 -19.93 22.88 7.79
N LYS C 94 -20.79 21.98 7.26
CA LYS C 94 -21.06 20.71 7.91
C LYS C 94 -19.78 19.85 7.82
N LEU C 95 -19.15 19.76 6.66
CA LEU C 95 -17.95 18.98 6.44
C LEU C 95 -16.84 19.44 7.35
N THR C 96 -16.66 20.76 7.43
CA THR C 96 -15.64 21.36 8.27
C THR C 96 -15.89 21.02 9.74
N THR C 97 -17.12 21.15 10.21
CA THR C 97 -17.45 20.78 11.58
C THR C 97 -17.07 19.33 11.83
N ASN C 98 -17.27 18.47 10.81
CA ASN C 98 -16.97 17.06 10.97
C ASN C 98 -15.55 16.70 10.60
N ASN C 99 -14.69 17.71 10.49
CA ASN C 99 -13.25 17.50 10.27
CA ASN C 99 -13.26 17.48 10.27
C ASN C 99 -13.01 16.67 8.99
N LYS C 100 -13.69 17.07 7.91
CA LYS C 100 -13.51 16.43 6.62
CA LYS C 100 -13.56 16.45 6.62
C LYS C 100 -12.99 17.50 5.67
N ASP C 101 -11.89 17.17 5.03
CA ASP C 101 -11.18 18.05 4.13
C ASP C 101 -11.72 17.97 2.71
N ILE C 102 -11.71 19.12 2.03
CA ILE C 102 -12.26 19.27 0.67
C ILE C 102 -11.20 19.81 -0.30
N ALA C 103 -10.92 19.03 -1.37
CA ALA C 103 -10.04 19.44 -2.45
C ALA C 103 -10.97 20.06 -3.50
N ILE C 104 -10.49 21.20 -4.01
CA ILE C 104 -11.05 21.94 -5.11
C ILE C 104 -10.38 21.48 -6.41
N LEU C 105 -11.19 21.08 -7.41
CA LEU C 105 -10.66 20.78 -8.72
C LEU C 105 -11.08 21.85 -9.71
N GLY C 106 -10.17 22.75 -10.05
CA GLY C 106 -10.52 23.92 -10.85
C GLY C 106 -9.87 23.87 -12.23
N SER C 107 -10.45 24.64 -13.18
CA SER C 107 -9.83 24.80 -14.47
C SER C 107 -9.83 26.29 -14.81
N ARG C 108 -8.75 26.70 -15.45
CA ARG C 108 -8.54 28.09 -15.78
C ARG C 108 -9.52 28.55 -16.82
N VAL C 109 -10.12 29.72 -16.60
CA VAL C 109 -11.01 30.39 -17.51
C VAL C 109 -10.23 31.01 -18.67
N GLU C 110 -9.12 31.71 -18.36
CA GLU C 110 -8.15 32.18 -19.36
C GLU C 110 -7.42 31.07 -20.13
N SER C 111 -7.18 31.32 -21.43
CA SER C 111 -6.52 30.33 -22.29
C SER C 111 -5.79 31.00 -23.46
N THR C 112 -4.54 30.63 -23.69
CA THR C 112 -3.82 31.13 -24.85
C THR C 112 -3.86 30.12 -25.99
N ASP C 113 -3.76 28.84 -25.63
CA ASP C 113 -3.49 27.74 -26.53
C ASP C 113 -4.75 26.92 -26.81
N GLY C 114 -5.90 27.36 -26.29
CA GLY C 114 -7.15 26.60 -26.30
C GLY C 114 -7.28 25.67 -25.09
N ILE C 115 -6.16 25.45 -24.39
CA ILE C 115 -6.13 24.57 -23.23
C ILE C 115 -6.37 25.39 -21.96
N HIS C 116 -7.11 24.80 -21.02
CA HIS C 116 -7.52 25.44 -19.79
C HIS C 116 -6.91 24.58 -18.70
N ALA C 117 -5.78 25.02 -18.19
CA ALA C 117 -5.06 24.33 -17.14
C ALA C 117 -5.94 24.00 -15.97
N GLY C 118 -5.67 22.83 -15.43
CA GLY C 118 -6.25 22.39 -14.17
C GLY C 118 -5.39 22.81 -13.01
N HIS C 119 -6.05 23.04 -11.89
CA HIS C 119 -5.35 23.43 -10.69
C HIS C 119 -6.16 22.97 -9.51
N ALA C 120 -5.47 22.42 -8.51
CA ALA C 120 -6.05 21.94 -7.29
C ALA C 120 -5.77 22.91 -6.13
N MET C 121 -6.76 23.11 -5.25
CA MET C 121 -6.62 24.00 -4.08
C MET C 121 -7.36 23.32 -2.92
N ALA C 122 -7.09 23.84 -1.70
CA ALA C 122 -7.68 23.27 -0.49
C ALA C 122 -8.72 24.17 0.12
N VAL C 123 -9.88 23.63 0.51
CA VAL C 123 -10.75 24.44 1.34
C VAL C 123 -10.18 24.47 2.74
N VAL C 124 -10.22 25.66 3.39
CA VAL C 124 -9.82 25.79 4.79
C VAL C 124 -11.04 25.81 5.71
N GLY C 125 -12.14 26.36 5.27
CA GLY C 125 -13.38 26.44 5.99
C GLY C 125 -14.30 27.46 5.36
N ASN C 126 -15.10 28.10 6.18
CA ASN C 126 -16.19 28.97 5.78
C ASN C 126 -16.39 30.03 6.88
N ALA C 127 -17.04 31.13 6.48
CA ALA C 127 -17.26 32.26 7.38
C ALA C 127 -18.52 33.00 6.96
N GLU C 128 -19.11 33.74 7.92
CA GLU C 128 -20.10 34.75 7.65
C GLU C 128 -19.49 36.10 7.94
N LEU C 129 -19.40 36.96 6.92
CA LEU C 129 -18.91 38.32 7.12
C LEU C 129 -19.96 39.19 7.79
N GLU C 130 -19.56 40.26 8.52
CA GLU C 130 -20.58 41.15 9.05
C GLU C 130 -21.31 41.74 7.85
N GLY C 131 -22.62 41.87 7.95
CA GLY C 131 -23.43 42.19 6.77
C GLY C 131 -24.15 40.94 6.29
N GLY C 132 -23.46 39.78 6.36
CA GLY C 132 -24.11 38.50 6.17
C GLY C 132 -23.55 37.67 5.01
N GLN C 133 -22.53 38.18 4.30
CA GLN C 133 -22.01 37.50 3.11
C GLN C 133 -21.34 36.20 3.56
N GLU C 134 -21.86 35.10 3.03
CA GLU C 134 -21.34 33.77 3.25
C GLU C 134 -20.13 33.55 2.32
N VAL C 135 -19.02 33.06 2.88
CA VAL C 135 -17.77 32.91 2.15
C VAL C 135 -17.18 31.54 2.49
N ILE C 136 -16.42 31.02 1.58
CA ILE C 136 -15.55 29.85 1.72
C ILE C 136 -14.10 30.29 1.66
N MET C 137 -13.34 29.80 2.64
CA MET C 137 -11.94 30.15 2.80
C MET C 137 -11.11 29.08 2.12
N ILE C 138 -10.21 29.53 1.22
CA ILE C 138 -9.49 28.66 0.32
C ILE C 138 -7.99 28.89 0.49
N TRP C 139 -7.20 27.85 0.43
CA TRP C 139 -5.77 27.95 0.28
C TRP C 139 -5.34 27.48 -1.10
N ASN C 140 -4.81 28.41 -1.89
CA ASN C 140 -4.11 28.10 -3.13
C ASN C 140 -2.67 27.78 -2.77
N PRO C 141 -2.16 26.60 -3.14
CA PRO C 141 -0.79 26.26 -2.81
C PRO C 141 0.30 27.27 -3.15
N TRP C 142 0.08 28.13 -4.15
CA TRP C 142 1.01 29.21 -4.47
C TRP C 142 1.25 30.17 -3.31
N ASP C 143 0.30 30.26 -2.35
CA ASP C 143 0.18 31.45 -1.50
C ASP C 143 0.56 31.19 -0.04
N ARG C 144 0.96 32.27 0.63
CA ARG C 144 1.30 32.23 2.04
C ARG C 144 0.11 32.62 2.93
N GLY C 145 -1.05 32.79 2.36
CA GLY C 145 -2.30 33.11 3.02
C GLY C 145 -3.51 32.53 2.30
N PHE C 146 -4.72 32.98 2.73
CA PHE C 146 -6.01 32.41 2.33
C PHE C 146 -6.82 33.40 1.53
N MET C 147 -7.61 32.87 0.56
CA MET C 147 -8.60 33.67 -0.17
C MET C 147 -9.98 33.56 0.45
N THR C 148 -10.75 34.65 0.36
CA THR C 148 -12.13 34.71 0.76
C THR C 148 -12.92 34.65 -0.53
N GLN C 149 -13.74 33.59 -0.64
CA GLN C 149 -14.50 33.30 -1.84
C GLN C 149 -15.96 33.39 -1.51
N ASP C 150 -16.66 34.31 -2.22
CA ASP C 150 -18.12 34.41 -2.11
CA ASP C 150 -18.11 34.42 -2.27
C ASP C 150 -18.72 33.03 -2.43
N ALA C 151 -19.55 32.54 -1.48
CA ALA C 151 -20.04 31.16 -1.57
C ALA C 151 -21.08 30.98 -2.68
N GLU C 152 -21.55 32.05 -3.33
CA GLU C 152 -22.49 31.90 -4.40
C GLU C 152 -21.75 31.89 -5.76
N SER C 153 -20.46 32.16 -5.73
CA SER C 153 -19.67 32.14 -6.96
C SER C 153 -18.75 30.94 -7.07
N ASN C 154 -18.67 30.36 -8.27
CA ASN C 154 -17.77 29.23 -8.50
C ASN C 154 -16.57 29.66 -9.36
N ILE C 155 -16.26 30.98 -9.38
CA ILE C 155 -15.09 31.47 -10.08
C ILE C 155 -14.18 32.07 -9.02
N ILE C 156 -12.99 31.48 -8.91
CA ILE C 156 -11.99 31.87 -7.91
C ILE C 156 -10.92 32.74 -8.55
N PRO C 157 -10.84 34.06 -8.23
CA PRO C 157 -9.73 34.90 -8.72
C PRO C 157 -8.46 34.64 -7.93
N VAL C 158 -7.39 34.15 -8.58
CA VAL C 158 -6.17 33.76 -7.89
C VAL C 158 -5.13 34.86 -8.05
N SER C 159 -4.03 34.64 -7.33
CA SER C 159 -3.10 35.70 -6.99
C SER C 159 -2.32 36.27 -8.16
N ASN C 160 -2.26 35.56 -9.29
CA ASN C 160 -1.56 36.04 -10.49
C ASN C 160 -2.49 36.73 -11.47
N GLY C 161 -3.76 36.83 -11.09
CA GLY C 161 -4.76 37.47 -11.92
C GLY C 161 -5.63 36.53 -12.72
N ASP C 162 -5.28 35.27 -12.73
CA ASP C 162 -6.13 34.31 -13.45
C ASP C 162 -7.37 34.05 -12.62
N HIS C 163 -8.25 33.26 -13.25
CA HIS C 163 -9.48 32.78 -12.69
C HIS C 163 -9.66 31.31 -12.97
N TYR C 164 -10.00 30.61 -11.90
CA TYR C 164 -10.32 29.20 -11.91
C TYR C 164 -11.79 28.99 -11.62
N GLN C 165 -12.48 28.23 -12.49
CA GLN C 165 -13.80 27.72 -12.20
C GLN C 165 -13.62 26.49 -11.31
N TRP C 166 -14.36 26.50 -10.22
CA TRP C 166 -14.40 25.38 -9.29
C TRP C 166 -15.39 24.35 -9.85
N ASN C 167 -14.84 23.40 -10.62
CA ASN C 167 -15.63 22.44 -11.34
C ASN C 167 -16.16 21.30 -10.50
N SER C 168 -15.23 20.73 -9.76
CA SER C 168 -15.57 19.53 -9.02
C SER C 168 -14.81 19.57 -7.69
N SER C 169 -15.11 18.60 -6.84
CA SER C 169 -14.54 18.56 -5.49
C SER C 169 -14.25 17.12 -5.18
N ILE C 170 -13.37 16.90 -4.21
CA ILE C 170 -13.24 15.61 -3.58
C ILE C 170 -13.22 15.88 -2.10
N TYR C 171 -14.20 15.32 -1.38
CA TYR C 171 -14.29 15.62 0.04
C TYR C 171 -14.12 14.34 0.86
N GLY C 172 -13.74 14.55 2.13
CA GLY C 172 -13.47 13.48 3.08
C GLY C 172 -11.98 13.22 3.36
N TYR C 173 -11.08 14.11 2.93
CA TYR C 173 -9.69 14.04 3.37
C TYR C 173 -9.63 14.29 4.87
C1 GOL D . 29.45 -1.19 -13.01
O1 GOL D . 30.71 -1.59 -12.49
C2 GOL D . 29.20 -1.67 -14.43
O2 GOL D . 28.88 -0.58 -15.28
C3 GOL D . 30.35 -2.41 -15.06
O3 GOL D . 29.97 -2.80 -16.38
C1 GOL E . 23.91 -4.80 -26.73
O1 GOL E . 24.75 -4.95 -27.88
C2 GOL E . 24.08 -3.45 -26.10
O2 GOL E . 23.37 -2.52 -26.90
C3 GOL E . 23.61 -3.37 -24.67
O3 GOL E . 22.83 -2.18 -24.45
CL CL F . 4.26 -11.45 0.35
CL CL G . -26.01 -13.18 7.96
CL CL H . -17.29 9.27 -5.30
CL CL I . -9.49 37.03 -0.82
CL CL J . -4.65 34.33 5.20
CL CL K . 5.36 6.18 -11.94
C1 GOL L . -4.88 35.75 -2.06
O1 GOL L . -4.84 36.30 -3.38
C2 GOL L . -3.49 35.63 -1.49
O2 GOL L . -2.85 36.90 -1.48
C3 GOL L . -3.40 35.12 -0.08
O3 GOL L . -2.03 34.99 0.31
C1 EDO M . 8.61 22.34 -1.87
O1 EDO M . 7.64 23.40 -2.14
C2 EDO M . 8.18 21.21 -1.06
O2 EDO M . 9.32 20.32 -0.88
#